data_7CGK
#
_entry.id   7CGK
#
_cell.length_a   89.796
_cell.length_b   89.796
_cell.length_c   117.551
_cell.angle_alpha   90.000
_cell.angle_beta   90.000
_cell.angle_gamma   90.000
#
_symmetry.space_group_name_H-M   'P 41 21 2'
#
loop_
_entity.id
_entity.type
_entity.pdbx_description
1 polymer 'PUM-HD domain-containing protein'
2 polymer "PBE-5A (5'-R(P*UP*GP*UP*AP*AP*AP*UP*A)-3')"
3 non-polymer 'CHLORIDE ION'
4 water water
#
loop_
_entity_poly.entity_id
_entity_poly.type
_entity_poly.pdbx_seq_one_letter_code
_entity_poly.pdbx_strand_id
1 'polypeptide(L)'
;MGHHHHHHMTTDDLLTRYRANPAMMKNLKLSDIRGALLKFAKDQVGSRFIQQELASSKDRFEKDSIFDEVVSNADELVDD
IFGNYVVQKFFEYGEERHWARLVDAIIDRVPEYAFQMYACRVLQKALEKINEPLQIKILSQIRHVIHRCMKDQNGCRVVQ
KAIEKVSPQYVQFIVDTLLESSNTIYEMSVDPYGCRVVQRCLEHCSPSQTKPVIGQIHKRFDEIANNQYGNYVVQHVIEH
GSEEDRMVIVTRVSNNLFEFATHKYSSNVIEKCLEQGAVYHKSMIVGAACHHQEGSVPIVVQMMKDQYANYVVQKMFDQV
TSEQRRELILTVRPHIPVLRQFPHGKHILAKLEKYFQKPA
;
A
2 'polyribonucleotide' UGUAAAUA B
#
# COMPACT_ATOMS: atom_id res chain seq x y z
N ASP A 12 27.35 40.94 4.04
CA ASP A 12 26.32 39.90 4.03
C ASP A 12 26.62 38.80 3.01
N ASP A 13 26.21 37.56 3.32
CA ASP A 13 26.50 36.43 2.46
C ASP A 13 25.55 36.37 1.26
N LEU A 14 25.86 35.47 0.34
CA LEU A 14 25.13 35.38 -0.94
C LEU A 14 23.65 35.16 -0.71
N LEU A 15 23.30 34.34 0.30
CA LEU A 15 21.91 33.92 0.50
C LEU A 15 21.05 35.03 1.09
N THR A 16 21.57 35.71 2.12
CA THR A 16 20.87 36.88 2.65
C THR A 16 20.68 37.91 1.56
N ARG A 17 21.69 38.09 0.70
CA ARG A 17 21.61 39.05 -0.39
C ARG A 17 20.55 38.64 -1.41
N TYR A 18 20.52 37.34 -1.77
CA TYR A 18 19.56 36.86 -2.77
C TYR A 18 18.14 36.80 -2.22
N ARG A 19 17.97 36.46 -0.93
CA ARG A 19 16.65 36.49 -0.32
C ARG A 19 16.08 37.90 -0.28
N ALA A 20 16.95 38.91 -0.14
CA ALA A 20 16.51 40.29 0.00
C ALA A 20 15.70 40.76 -1.21
N ASN A 21 16.33 40.81 -2.38
CA ASN A 21 15.66 41.12 -3.64
C ASN A 21 15.88 39.95 -4.60
N PRO A 22 14.92 39.02 -4.71
CA PRO A 22 15.13 37.86 -5.61
C PRO A 22 15.33 38.26 -7.07
N ALA A 23 14.56 39.24 -7.55
CA ALA A 23 14.68 39.67 -8.93
C ALA A 23 15.97 40.44 -9.19
N MET A 24 16.58 41.05 -8.17
CA MET A 24 17.85 41.74 -8.36
C MET A 24 18.93 40.77 -8.86
N MET A 25 18.80 39.50 -8.52
CA MET A 25 19.75 38.49 -8.99
C MET A 25 19.04 37.44 -9.82
N LYS A 26 18.33 37.88 -10.86
CA LYS A 26 17.76 36.94 -11.82
C LYS A 26 18.82 36.29 -12.69
N ASN A 27 20.08 36.71 -12.54
CA ASN A 27 21.21 36.16 -13.29
C ASN A 27 22.16 35.39 -12.39
N LEU A 28 21.65 34.85 -11.28
CA LEU A 28 22.42 33.98 -10.42
C LEU A 28 22.48 32.59 -11.03
N LYS A 29 23.64 31.94 -10.90
CA LYS A 29 23.85 30.63 -11.51
C LYS A 29 24.34 29.66 -10.44
N LEU A 30 24.23 28.37 -10.73
CA LEU A 30 24.56 27.35 -9.74
C LEU A 30 26.04 27.39 -9.39
N SER A 31 26.88 27.69 -10.38
CA SER A 31 28.31 27.80 -10.13
C SER A 31 28.65 29.03 -9.29
N ASP A 32 27.72 29.97 -9.11
CA ASP A 32 27.91 31.07 -8.17
C ASP A 32 27.81 30.63 -6.72
N ILE A 33 27.10 29.53 -6.45
CA ILE A 33 26.82 29.13 -5.08
C ILE A 33 28.11 28.70 -4.38
N ARG A 34 28.87 27.82 -5.01
CA ARG A 34 30.16 27.37 -4.47
C ARG A 34 30.04 26.88 -3.03
N GLY A 35 30.70 27.55 -2.12
CA GLY A 35 30.69 27.10 -0.76
C GLY A 35 29.41 27.39 0.01
N ALA A 36 28.46 28.11 -0.59
CA ALA A 36 27.20 28.44 0.07
C ALA A 36 26.13 27.38 -0.12
N LEU A 37 26.48 26.20 -0.67
CA LEU A 37 25.47 25.22 -1.07
C LEU A 37 24.66 24.73 0.13
N LEU A 38 25.35 24.43 1.24
CA LEU A 38 24.65 23.96 2.44
C LEU A 38 23.61 24.98 2.91
N LYS A 39 24.01 26.24 3.09
CA LYS A 39 23.06 27.26 3.54
C LYS A 39 21.92 27.42 2.53
N PHE A 40 22.23 27.40 1.23
CA PHE A 40 21.19 27.50 0.22
C PHE A 40 20.22 26.31 0.29
N ALA A 41 20.74 25.10 0.47
CA ALA A 41 19.87 23.93 0.35
C ALA A 41 18.93 23.81 1.55
N LYS A 42 19.35 24.28 2.72
CA LYS A 42 18.53 24.22 3.93
C LYS A 42 17.63 25.44 4.08
N ASP A 43 17.62 26.32 3.09
CA ASP A 43 16.76 27.48 3.09
C ASP A 43 15.62 27.26 2.12
N GLN A 44 14.44 27.71 2.49
CA GLN A 44 13.26 27.50 1.66
C GLN A 44 13.42 28.18 0.28
N VAL A 45 13.77 29.46 0.27
CA VAL A 45 14.02 30.15 -0.99
C VAL A 45 15.26 29.58 -1.70
N GLY A 46 16.33 29.35 -0.95
CA GLY A 46 17.54 28.80 -1.57
C GLY A 46 17.31 27.44 -2.20
N SER A 47 16.61 26.55 -1.51
CA SER A 47 16.35 25.22 -2.05
C SER A 47 15.49 25.28 -3.31
N ARG A 48 14.51 26.19 -3.34
CA ARG A 48 13.70 26.34 -4.55
C ARG A 48 14.54 26.85 -5.70
N PHE A 49 15.45 27.77 -5.43
CA PHE A 49 16.38 28.21 -6.47
C PHE A 49 17.18 27.05 -7.02
N ILE A 50 17.88 26.31 -6.15
CA ILE A 50 18.66 25.14 -6.60
C ILE A 50 17.80 24.20 -7.42
N GLN A 51 16.62 23.83 -6.91
CA GLN A 51 15.78 22.88 -7.64
C GLN A 51 15.41 23.41 -9.02
N GLN A 52 14.98 24.68 -9.11
CA GLN A 52 14.57 25.28 -10.38
C GLN A 52 15.71 25.25 -11.38
N GLU A 53 16.92 25.59 -10.92
CA GLU A 53 18.11 25.58 -11.77
C GLU A 53 18.49 24.18 -12.21
N LEU A 54 18.41 23.21 -11.30
CA LEU A 54 18.76 21.84 -11.67
C LEU A 54 17.81 21.29 -12.72
N ALA A 55 16.53 21.69 -12.69
CA ALA A 55 15.56 21.18 -13.64
C ALA A 55 15.57 21.95 -14.95
N SER A 56 15.97 23.22 -14.93
CA SER A 56 15.86 24.07 -16.12
C SER A 56 17.18 24.29 -16.84
N SER A 57 18.31 24.16 -16.16
CA SER A 57 19.58 24.46 -16.82
C SER A 57 19.90 23.42 -17.88
N LYS A 58 20.39 23.89 -19.03
CA LYS A 58 20.90 23.02 -20.08
C LYS A 58 22.41 22.89 -20.01
N ASP A 59 23.04 23.34 -18.92
CA ASP A 59 24.49 23.30 -18.77
C ASP A 59 24.83 22.21 -17.78
N ARG A 60 25.37 21.10 -18.28
CA ARG A 60 25.68 20.00 -17.39
C ARG A 60 26.84 20.31 -16.44
N PHE A 61 27.70 21.29 -16.77
CA PHE A 61 28.79 21.62 -15.87
C PHE A 61 28.33 22.51 -14.73
N GLU A 62 27.32 23.36 -14.96
CA GLU A 62 26.63 24.02 -13.85
C GLU A 62 26.09 23.00 -12.87
N LYS A 63 25.38 21.99 -13.38
CA LYS A 63 24.72 21.02 -12.51
C LYS A 63 25.74 20.23 -11.70
N ASP A 64 26.89 19.89 -12.31
CA ASP A 64 27.93 19.22 -11.56
C ASP A 64 28.67 20.14 -10.60
N SER A 65 28.59 21.47 -10.76
CA SER A 65 29.42 22.33 -9.92
C SER A 65 28.98 22.27 -8.47
N ILE A 66 27.73 21.93 -8.19
CA ILE A 66 27.26 21.83 -6.82
C ILE A 66 27.27 20.41 -6.28
N PHE A 67 27.59 19.42 -7.12
CA PHE A 67 27.44 18.02 -6.70
C PHE A 67 28.46 17.62 -5.65
N ASP A 68 29.68 18.18 -5.68
CA ASP A 68 30.64 17.85 -4.64
C ASP A 68 30.17 18.37 -3.29
N GLU A 69 29.54 19.54 -3.26
CA GLU A 69 29.08 20.04 -1.97
C GLU A 69 27.85 19.25 -1.51
N VAL A 70 26.99 18.81 -2.44
CA VAL A 70 25.89 17.94 -2.04
C VAL A 70 26.42 16.67 -1.40
N VAL A 71 27.36 16.00 -2.06
CA VAL A 71 27.95 14.78 -1.53
C VAL A 71 28.63 15.03 -0.20
N SER A 72 29.32 16.15 -0.08
CA SER A 72 30.06 16.43 1.14
C SER A 72 29.13 16.72 2.31
N ASN A 73 27.97 17.32 2.05
CA ASN A 73 27.00 17.68 3.08
C ASN A 73 25.80 16.75 3.08
N ALA A 74 25.94 15.57 2.47
CA ALA A 74 24.80 14.68 2.24
C ALA A 74 24.05 14.39 3.54
N ASP A 75 24.79 13.95 4.58
CA ASP A 75 24.14 13.57 5.84
C ASP A 75 23.35 14.72 6.43
N GLU A 76 23.83 15.95 6.27
CA GLU A 76 23.06 17.07 6.80
C GLU A 76 21.86 17.42 5.91
N LEU A 77 21.89 17.03 4.63
CA LEU A 77 20.83 17.42 3.72
C LEU A 77 19.68 16.41 3.63
N VAL A 78 19.94 15.10 3.80
CA VAL A 78 18.90 14.14 3.43
C VAL A 78 17.70 14.26 4.35
N ASP A 79 17.88 14.57 5.64
CA ASP A 79 16.73 14.71 6.52
C ASP A 79 16.43 16.15 6.88
N ASP A 80 16.67 17.07 5.95
CA ASP A 80 16.25 18.44 6.13
C ASP A 80 15.01 18.72 5.30
N ILE A 81 14.10 19.51 5.88
CA ILE A 81 12.80 19.81 5.30
C ILE A 81 12.94 20.41 3.90
N PHE A 82 14.02 21.15 3.64
CA PHE A 82 14.22 21.76 2.33
C PHE A 82 15.36 21.13 1.53
N GLY A 83 16.39 20.61 2.22
CA GLY A 83 17.51 20.01 1.55
C GLY A 83 17.22 18.66 0.93
N ASN A 84 16.23 17.93 1.43
CA ASN A 84 16.02 16.61 0.86
C ASN A 84 15.67 16.69 -0.62
N TYR A 85 14.96 17.74 -1.04
CA TYR A 85 14.64 17.92 -2.46
C TYR A 85 15.90 18.07 -3.30
N VAL A 86 16.91 18.77 -2.77
CA VAL A 86 18.14 18.98 -3.52
C VAL A 86 18.85 17.66 -3.76
N VAL A 87 18.96 16.83 -2.72
CA VAL A 87 19.57 15.50 -2.88
C VAL A 87 18.79 14.67 -3.91
N GLN A 88 17.45 14.64 -3.79
CA GLN A 88 16.60 13.88 -4.71
C GLN A 88 16.81 14.30 -6.17
N LYS A 89 17.11 15.58 -6.42
CA LYS A 89 17.35 16.00 -7.79
C LYS A 89 18.43 15.17 -8.46
N PHE A 90 19.45 14.75 -7.70
CA PHE A 90 20.55 13.99 -8.28
C PHE A 90 20.29 12.49 -8.32
N PHE A 91 19.12 12.02 -7.92
CA PHE A 91 18.71 10.66 -8.22
C PHE A 91 17.78 10.58 -9.41
N GLU A 92 17.50 11.69 -10.08
CA GLU A 92 16.56 11.68 -11.19
C GLU A 92 17.21 11.07 -12.43
N TYR A 93 16.36 10.58 -13.33
CA TYR A 93 16.80 10.32 -14.70
C TYR A 93 17.41 11.60 -15.24
N GLY A 94 18.59 11.50 -15.83
CA GLY A 94 19.32 12.67 -16.26
C GLY A 94 20.53 12.96 -15.41
N GLU A 95 20.65 12.31 -14.26
CA GLU A 95 21.82 12.43 -13.40
C GLU A 95 22.42 11.07 -13.11
N GLU A 96 22.15 10.09 -13.99
CA GLU A 96 22.73 8.74 -13.89
C GLU A 96 24.20 8.79 -13.50
N ARG A 97 24.97 9.67 -14.16
CA ARG A 97 26.40 9.76 -13.91
C ARG A 97 26.71 10.00 -12.43
N HIS A 98 25.75 10.49 -11.65
CA HIS A 98 25.98 10.78 -10.24
C HIS A 98 25.44 9.72 -9.29
N TRP A 99 24.65 8.76 -9.77
CA TRP A 99 23.90 7.88 -8.89
C TRP A 99 24.83 7.11 -7.95
N ALA A 100 25.91 6.54 -8.49
CA ALA A 100 26.78 5.69 -7.68
C ALA A 100 27.46 6.50 -6.59
N ARG A 101 28.00 7.66 -6.95
CA ARG A 101 28.67 8.50 -5.96
C ARG A 101 27.70 8.91 -4.87
N LEU A 102 26.46 9.19 -5.24
CA LEU A 102 25.49 9.64 -4.26
C LEU A 102 25.04 8.50 -3.35
N VAL A 103 24.98 7.26 -3.86
CA VAL A 103 24.65 6.14 -2.98
C VAL A 103 25.77 5.93 -1.96
N ASP A 104 27.03 5.98 -2.41
CA ASP A 104 28.16 5.91 -1.48
C ASP A 104 28.07 6.97 -0.40
N ALA A 105 27.57 8.15 -0.74
CA ALA A 105 27.53 9.24 0.22
C ALA A 105 26.50 9.00 1.32
N ILE A 106 25.47 8.19 1.07
CA ILE A 106 24.40 7.98 2.04
C ILE A 106 24.35 6.56 2.57
N ILE A 107 25.18 5.64 2.06
CA ILE A 107 24.89 4.22 2.25
C ILE A 107 25.06 3.82 3.71
N ASP A 108 26.05 4.37 4.41
CA ASP A 108 26.32 3.91 5.77
C ASP A 108 25.17 4.20 6.71
N ARG A 109 24.38 5.22 6.39
CA ARG A 109 23.32 5.64 7.29
C ARG A 109 21.92 5.35 6.75
N VAL A 110 21.81 4.56 5.69
CA VAL A 110 20.51 4.07 5.21
C VAL A 110 19.71 3.42 6.34
N PRO A 111 20.33 2.62 7.24
CA PRO A 111 19.52 2.00 8.30
C PRO A 111 18.75 2.99 9.13
N GLU A 112 19.28 4.18 9.36
CA GLU A 112 18.49 5.15 10.09
C GLU A 112 17.74 6.11 9.20
N TYR A 113 18.23 6.41 7.99
CA TYR A 113 17.47 7.26 7.07
C TYR A 113 16.10 6.67 6.76
N ALA A 114 15.97 5.34 6.79
CA ALA A 114 14.70 4.72 6.43
C ALA A 114 13.58 5.08 7.39
N PHE A 115 13.90 5.49 8.62
CA PHE A 115 12.92 5.82 9.63
C PHE A 115 12.60 7.30 9.69
N GLN A 116 13.30 8.14 8.92
CA GLN A 116 13.17 9.58 9.06
C GLN A 116 12.24 10.11 7.99
N MET A 117 11.46 11.14 8.33
CA MET A 117 10.36 11.48 7.45
C MET A 117 10.82 12.19 6.17
N TYR A 118 11.92 12.95 6.21
CA TYR A 118 12.42 13.56 5.00
C TYR A 118 13.42 12.65 4.28
N ALA A 119 14.41 12.13 5.01
CA ALA A 119 15.40 11.22 4.42
C ALA A 119 14.76 10.01 3.76
N CYS A 120 13.64 9.51 4.29
CA CYS A 120 13.07 8.32 3.64
C CYS A 120 12.52 8.63 2.26
N ARG A 121 12.23 9.90 1.96
CA ARG A 121 11.79 10.23 0.61
C ARG A 121 12.96 10.22 -0.38
N VAL A 122 14.17 10.52 0.11
CA VAL A 122 15.37 10.32 -0.68
C VAL A 122 15.57 8.85 -1.02
N LEU A 123 15.43 7.97 -0.01
CA LEU A 123 15.56 6.55 -0.26
C LEU A 123 14.50 6.06 -1.25
N GLN A 124 13.27 6.58 -1.15
CA GLN A 124 12.23 6.12 -2.07
C GLN A 124 12.51 6.59 -3.50
N LYS A 125 12.98 7.83 -3.65
CA LYS A 125 13.34 8.32 -4.97
C LYS A 125 14.48 7.50 -5.56
N ALA A 126 15.51 7.21 -4.76
CA ALA A 126 16.61 6.39 -5.23
C ALA A 126 16.12 5.04 -5.75
N LEU A 127 15.31 4.32 -4.96
CA LEU A 127 14.84 3.01 -5.38
C LEU A 127 13.94 3.10 -6.61
N GLU A 128 13.19 4.19 -6.75
CA GLU A 128 12.36 4.40 -7.93
C GLU A 128 13.20 4.59 -9.21
N LYS A 129 14.44 5.09 -9.10
CA LYS A 129 15.16 5.54 -10.29
C LYS A 129 16.41 4.73 -10.62
N ILE A 130 17.11 4.20 -9.65
CA ILE A 130 18.47 3.77 -9.92
C ILE A 130 18.49 2.33 -10.40
N ASN A 131 19.62 1.94 -10.99
CA ASN A 131 19.78 0.62 -11.58
C ASN A 131 19.88 -0.45 -10.50
N GLU A 132 19.65 -1.69 -10.93
CA GLU A 132 19.52 -2.81 -9.98
C GLU A 132 20.74 -3.01 -9.08
N PRO A 133 21.98 -2.93 -9.56
CA PRO A 133 23.12 -3.00 -8.60
C PRO A 133 23.05 -1.95 -7.49
N LEU A 134 22.57 -0.74 -7.77
CA LEU A 134 22.52 0.24 -6.69
C LEU A 134 21.34 -0.01 -5.74
N GLN A 135 20.19 -0.43 -6.28
CA GLN A 135 19.07 -0.86 -5.43
C GLN A 135 19.49 -1.95 -4.47
N ILE A 136 20.18 -2.98 -4.98
CA ILE A 136 20.62 -4.08 -4.15
C ILE A 136 21.54 -3.57 -3.05
N LYS A 137 22.39 -2.60 -3.38
CA LYS A 137 23.28 -2.02 -2.39
C LYS A 137 22.49 -1.37 -1.25
N ILE A 138 21.46 -0.59 -1.61
CA ILE A 138 20.61 0.05 -0.60
C ILE A 138 19.88 -0.98 0.24
N LEU A 139 19.33 -2.02 -0.40
CA LEU A 139 18.61 -3.04 0.35
C LEU A 139 19.52 -3.81 1.31
N SER A 140 20.83 -3.89 1.02
CA SER A 140 21.75 -4.57 1.92
C SER A 140 21.82 -3.89 3.28
N GLN A 141 21.53 -2.59 3.33
CA GLN A 141 21.46 -1.87 4.58
C GLN A 141 20.10 -1.98 5.23
N ILE A 142 19.05 -1.84 4.43
CA ILE A 142 17.67 -2.05 4.89
C ILE A 142 17.55 -3.40 5.58
N ARG A 143 18.28 -4.40 5.07
CA ARG A 143 18.26 -5.74 5.63
C ARG A 143 18.62 -5.76 7.11
N HIS A 144 19.37 -4.78 7.59
CA HIS A 144 19.79 -4.75 8.97
C HIS A 144 18.69 -4.30 9.91
N VAL A 145 17.65 -3.63 9.40
CA VAL A 145 16.62 -3.06 10.28
C VAL A 145 15.24 -3.45 9.75
N ILE A 146 15.16 -4.55 9.01
CA ILE A 146 13.99 -4.76 8.15
C ILE A 146 12.73 -4.97 8.97
N HIS A 147 12.80 -5.76 10.05
CA HIS A 147 11.57 -6.06 10.80
C HIS A 147 10.98 -4.78 11.38
N ARG A 148 11.80 -3.98 12.06
CA ARG A 148 11.31 -2.75 12.66
C ARG A 148 10.90 -1.77 11.59
N CYS A 149 11.60 -1.80 10.46
CA CYS A 149 11.33 -0.93 9.34
C CYS A 149 9.94 -1.19 8.76
N MET A 150 9.55 -2.47 8.65
CA MET A 150 8.25 -2.79 8.08
C MET A 150 7.12 -2.23 8.91
N LYS A 151 7.31 -2.09 10.22
CA LYS A 151 6.27 -1.62 11.12
C LYS A 151 6.29 -0.13 11.32
N ASP A 152 7.07 0.61 10.54
CA ASP A 152 7.32 2.03 10.78
C ASP A 152 6.58 2.86 9.73
N GLN A 153 6.12 4.04 10.16
CA GLN A 153 5.35 4.90 9.26
C GLN A 153 6.19 5.32 8.07
N ASN A 154 7.49 5.61 8.30
CA ASN A 154 8.43 5.94 7.23
C ASN A 154 9.07 4.69 6.63
N GLY A 155 9.56 3.78 7.47
CA GLY A 155 10.27 2.63 6.96
C GLY A 155 9.42 1.76 6.05
N CYS A 156 8.12 1.63 6.35
CA CYS A 156 7.28 0.78 5.50
C CYS A 156 7.15 1.34 4.09
N ARG A 157 7.28 2.66 3.91
CA ARG A 157 7.23 3.20 2.54
C ARG A 157 8.48 2.84 1.76
N VAL A 158 9.62 2.79 2.43
CA VAL A 158 10.86 2.33 1.81
C VAL A 158 10.73 0.87 1.39
N VAL A 159 10.23 0.02 2.31
CA VAL A 159 10.07 -1.40 2.02
C VAL A 159 9.08 -1.63 0.87
N GLN A 160 7.97 -0.88 0.86
CA GLN A 160 7.01 -1.05 -0.22
C GLN A 160 7.63 -0.70 -1.57
N LYS A 161 8.40 0.40 -1.62
CA LYS A 161 9.04 0.77 -2.87
C LYS A 161 10.03 -0.28 -3.33
N ALA A 162 10.77 -0.87 -2.38
CA ALA A 162 11.71 -1.93 -2.74
C ALA A 162 10.98 -3.08 -3.44
N ILE A 163 9.81 -3.45 -2.91
CA ILE A 163 9.05 -4.57 -3.45
C ILE A 163 8.46 -4.22 -4.81
N GLU A 164 8.08 -2.97 -5.02
CA GLU A 164 7.54 -2.54 -6.31
C GLU A 164 8.60 -2.46 -7.39
N LYS A 165 9.86 -2.20 -7.05
CA LYS A 165 10.82 -1.78 -8.06
C LYS A 165 12.01 -2.70 -8.23
N VAL A 166 12.22 -3.64 -7.32
CA VAL A 166 13.33 -4.57 -7.40
C VAL A 166 12.81 -5.94 -7.80
N SER A 167 13.62 -6.68 -8.55
CA SER A 167 13.24 -8.01 -8.96
C SER A 167 12.97 -8.89 -7.74
N PRO A 168 11.92 -9.71 -7.78
CA PRO A 168 11.55 -10.60 -6.67
C PRO A 168 12.68 -11.33 -5.95
N GLN A 169 13.72 -11.78 -6.65
CA GLN A 169 14.73 -12.57 -5.97
C GLN A 169 15.54 -11.76 -4.98
N TYR A 170 15.56 -10.43 -5.12
CA TYR A 170 16.35 -9.60 -4.24
C TYR A 170 15.54 -9.01 -3.09
N VAL A 171 14.25 -9.36 -2.98
CA VAL A 171 13.47 -9.08 -1.78
C VAL A 171 13.14 -10.37 -1.03
N GLN A 172 13.82 -11.48 -1.36
CA GLN A 172 13.60 -12.70 -0.59
C GLN A 172 13.86 -12.49 0.90
N PHE A 173 14.83 -11.62 1.24
CA PHE A 173 15.09 -11.35 2.64
C PHE A 173 13.90 -10.72 3.33
N ILE A 174 13.06 -10.00 2.59
CA ILE A 174 11.86 -9.40 3.17
C ILE A 174 10.80 -10.47 3.38
N VAL A 175 10.61 -11.33 2.38
CA VAL A 175 9.68 -12.45 2.54
C VAL A 175 10.09 -13.32 3.72
N ASP A 176 11.40 -13.56 3.89
CA ASP A 176 11.87 -14.40 4.99
C ASP A 176 11.72 -13.73 6.33
N THR A 177 11.61 -12.39 6.35
CA THR A 177 11.27 -11.69 7.58
C THR A 177 9.79 -11.87 7.92
N LEU A 178 8.91 -11.81 6.91
CA LEU A 178 7.50 -12.14 7.15
C LEU A 178 7.35 -13.56 7.69
N LEU A 179 8.28 -14.44 7.36
CA LEU A 179 8.25 -15.83 7.77
C LEU A 179 9.22 -16.14 8.90
N GLU A 180 9.76 -15.11 9.57
CA GLU A 180 10.83 -15.41 10.51
C GLU A 180 10.33 -16.20 11.72
N SER A 181 9.07 -15.99 12.13
CA SER A 181 8.48 -16.69 13.26
C SER A 181 7.04 -16.99 12.96
N SER A 182 6.45 -17.87 13.78
CA SER A 182 5.07 -18.30 13.57
C SER A 182 4.10 -17.14 13.49
N ASN A 183 4.25 -16.16 14.37
CA ASN A 183 3.24 -15.12 14.47
C ASN A 183 3.57 -13.86 13.67
N THR A 184 4.67 -13.84 12.91
CA THR A 184 5.11 -12.58 12.29
C THR A 184 4.12 -12.10 11.25
N ILE A 185 3.60 -13.00 10.41
CA ILE A 185 2.61 -12.61 9.41
C ILE A 185 1.36 -12.07 10.08
N TYR A 186 0.93 -12.69 11.19
CA TYR A 186 -0.20 -12.14 11.92
C TYR A 186 0.14 -10.74 12.46
N GLU A 187 1.33 -10.60 13.05
CA GLU A 187 1.75 -9.33 13.65
C GLU A 187 1.80 -8.22 12.59
N MET A 188 2.31 -8.53 11.40
CA MET A 188 2.32 -7.52 10.33
C MET A 188 0.93 -7.26 9.76
N SER A 189 0.12 -8.32 9.56
CA SER A 189 -1.19 -8.13 8.95
C SER A 189 -2.11 -7.25 9.78
N VAL A 190 -1.92 -7.22 11.11
CA VAL A 190 -2.78 -6.39 11.97
C VAL A 190 -2.11 -5.06 12.34
N ASP A 191 -0.95 -4.75 11.74
CA ASP A 191 -0.23 -3.50 11.97
C ASP A 191 -0.59 -2.50 10.88
N PRO A 192 -0.83 -1.22 11.22
CA PRO A 192 -1.25 -0.26 10.18
C PRO A 192 -0.23 -0.08 9.08
N TYR A 193 1.04 -0.26 9.38
CA TYR A 193 2.12 -0.12 8.41
C TYR A 193 2.58 -1.46 7.88
N GLY A 194 2.70 -2.45 8.75
CA GLY A 194 3.10 -3.77 8.29
C GLY A 194 2.14 -4.41 7.33
N CYS A 195 0.85 -4.06 7.42
CA CYS A 195 -0.13 -4.66 6.51
C CYS A 195 0.07 -4.19 5.09
N ARG A 196 0.66 -3.00 4.90
CA ARG A 196 0.94 -2.47 3.56
C ARG A 196 2.08 -3.23 2.91
N VAL A 197 3.07 -3.62 3.71
CA VAL A 197 4.14 -4.46 3.21
C VAL A 197 3.60 -5.83 2.76
N VAL A 198 2.76 -6.47 3.58
CA VAL A 198 2.21 -7.78 3.18
C VAL A 198 1.46 -7.65 1.86
N GLN A 199 0.69 -6.57 1.70
CA GLN A 199 -0.06 -6.37 0.47
C GLN A 199 0.86 -6.25 -0.75
N ARG A 200 1.93 -5.44 -0.65
CA ARG A 200 2.82 -5.31 -1.80
C ARG A 200 3.42 -6.65 -2.16
N CYS A 201 3.85 -7.39 -1.14
CA CYS A 201 4.36 -8.74 -1.36
CA CYS A 201 4.37 -8.74 -1.39
C CYS A 201 3.38 -9.57 -2.19
N LEU A 202 2.11 -9.59 -1.76
CA LEU A 202 1.09 -10.35 -2.48
C LEU A 202 0.93 -9.86 -3.91
N GLU A 203 1.12 -8.56 -4.15
CA GLU A 203 1.01 -8.02 -5.51
C GLU A 203 2.20 -8.36 -6.38
N HIS A 204 3.42 -8.37 -5.83
CA HIS A 204 4.61 -8.35 -6.68
C HIS A 204 5.53 -9.56 -6.53
N CYS A 205 5.36 -10.38 -5.50
CA CYS A 205 6.30 -11.47 -5.27
C CYS A 205 5.92 -12.69 -6.09
N SER A 206 6.91 -13.55 -6.31
CA SER A 206 6.73 -14.75 -7.12
C SER A 206 5.87 -15.77 -6.38
N PRO A 207 5.27 -16.70 -7.11
CA PRO A 207 4.40 -17.71 -6.47
C PRO A 207 5.11 -18.55 -5.42
N SER A 208 6.41 -18.82 -5.58
CA SER A 208 7.11 -19.54 -4.54
C SER A 208 7.34 -18.68 -3.31
N GLN A 209 7.29 -17.36 -3.47
CA GLN A 209 7.43 -16.52 -2.30
C GLN A 209 6.08 -16.31 -1.63
N THR A 210 5.02 -16.09 -2.41
CA THR A 210 3.75 -15.76 -1.77
C THR A 210 3.10 -16.96 -1.12
N LYS A 211 3.40 -18.18 -1.59
CA LYS A 211 2.69 -19.35 -1.09
C LYS A 211 2.86 -19.58 0.41
N PRO A 212 4.07 -19.56 0.99
CA PRO A 212 4.16 -19.64 2.46
C PRO A 212 3.54 -18.46 3.19
N VAL A 213 3.58 -17.27 2.60
CA VAL A 213 2.96 -16.09 3.21
C VAL A 213 1.46 -16.29 3.33
N ILE A 214 0.82 -16.66 2.22
CA ILE A 214 -0.62 -16.94 2.22
C ILE A 214 -0.94 -18.10 3.15
N GLY A 215 -0.09 -19.14 3.17
CA GLY A 215 -0.30 -20.25 4.09
C GLY A 215 -0.34 -19.79 5.54
N GLN A 216 0.57 -18.87 5.90
CA GLN A 216 0.56 -18.30 7.25
C GLN A 216 -0.71 -17.50 7.52
N ILE A 217 -1.17 -16.71 6.55
CA ILE A 217 -2.41 -15.94 6.72
C ILE A 217 -3.59 -16.88 6.94
N HIS A 218 -3.67 -17.96 6.16
CA HIS A 218 -4.75 -18.92 6.30
C HIS A 218 -4.85 -19.48 7.73
N LYS A 219 -3.71 -19.72 8.39
CA LYS A 219 -3.76 -20.37 9.70
C LYS A 219 -4.50 -19.54 10.72
N ARG A 220 -4.44 -18.22 10.61
CA ARG A 220 -5.21 -17.37 11.53
C ARG A 220 -6.20 -16.50 10.76
N PHE A 221 -6.93 -17.14 9.84
CA PHE A 221 -7.70 -16.42 8.84
C PHE A 221 -8.84 -15.62 9.48
N ASP A 222 -9.62 -16.24 10.37
CA ASP A 222 -10.79 -15.56 10.93
C ASP A 222 -10.40 -14.26 11.63
N GLU A 223 -9.32 -14.27 12.43
CA GLU A 223 -8.87 -13.07 13.11
C GLU A 223 -8.41 -11.99 12.14
N ILE A 224 -7.58 -12.38 11.17
CA ILE A 224 -7.07 -11.40 10.21
C ILE A 224 -8.20 -10.82 9.35
N ALA A 225 -9.18 -11.66 8.96
CA ALA A 225 -10.26 -11.20 8.10
C ALA A 225 -11.10 -10.12 8.78
N ASN A 226 -11.20 -10.14 10.10
CA ASN A 226 -12.04 -9.14 10.77
C ASN A 226 -11.22 -8.05 11.44
N ASN A 227 -9.92 -7.98 11.16
CA ASN A 227 -9.10 -6.91 11.67
C ASN A 227 -9.21 -5.66 10.78
N GLN A 228 -9.10 -4.47 11.39
CA GLN A 228 -9.25 -3.24 10.64
C GLN A 228 -8.18 -3.10 9.55
N TYR A 229 -7.01 -3.71 9.75
CA TYR A 229 -5.98 -3.75 8.72
C TYR A 229 -5.90 -5.10 8.01
N GLY A 230 -6.11 -6.21 8.74
CA GLY A 230 -6.01 -7.52 8.13
C GLY A 230 -7.05 -7.78 7.05
N ASN A 231 -8.26 -7.21 7.19
CA ASN A 231 -9.27 -7.44 6.16
C ASN A 231 -8.75 -7.03 4.79
N TYR A 232 -7.95 -5.94 4.72
CA TYR A 232 -7.30 -5.60 3.45
C TYR A 232 -6.25 -6.62 3.03
N VAL A 233 -5.57 -7.26 4.00
CA VAL A 233 -4.60 -8.29 3.62
C VAL A 233 -5.33 -9.48 3.00
N VAL A 234 -6.45 -9.88 3.61
CA VAL A 234 -7.23 -10.97 3.05
C VAL A 234 -7.79 -10.60 1.69
N GLN A 235 -8.19 -9.35 1.51
CA GLN A 235 -8.71 -8.94 0.23
C GLN A 235 -7.65 -9.10 -0.85
N HIS A 236 -6.40 -8.77 -0.52
CA HIS A 236 -5.31 -8.97 -1.47
C HIS A 236 -5.05 -10.44 -1.75
N VAL A 237 -5.23 -11.33 -0.75
CA VAL A 237 -5.09 -12.75 -1.03
C VAL A 237 -6.13 -13.19 -2.06
N ILE A 238 -7.38 -12.75 -1.86
CA ILE A 238 -8.44 -13.08 -2.82
C ILE A 238 -8.07 -12.65 -4.23
N GLU A 239 -7.51 -11.44 -4.37
CA GLU A 239 -7.24 -10.93 -5.70
C GLU A 239 -5.97 -11.49 -6.33
N HIS A 240 -4.93 -11.80 -5.53
CA HIS A 240 -3.62 -12.16 -6.07
C HIS A 240 -3.21 -13.60 -5.76
N GLY A 241 -3.95 -14.30 -4.91
CA GLY A 241 -3.65 -15.69 -4.62
C GLY A 241 -4.11 -16.60 -5.74
N SER A 242 -4.01 -17.90 -5.46
CA SER A 242 -4.38 -18.90 -6.45
C SER A 242 -5.87 -19.24 -6.39
N GLU A 243 -6.28 -20.08 -7.36
CA GLU A 243 -7.63 -20.60 -7.39
C GLU A 243 -7.95 -21.38 -6.12
N GLU A 244 -7.01 -22.23 -5.68
CA GLU A 244 -7.24 -22.98 -4.44
C GLU A 244 -7.36 -22.06 -3.24
N ASP A 245 -6.61 -20.94 -3.24
CA ASP A 245 -6.73 -19.96 -2.18
C ASP A 245 -8.14 -19.36 -2.16
N ARG A 246 -8.61 -18.87 -3.32
CA ARG A 246 -9.98 -18.36 -3.37
C ARG A 246 -10.98 -19.41 -2.92
N MET A 247 -10.77 -20.66 -3.32
CA MET A 247 -11.71 -21.73 -2.96
C MET A 247 -11.71 -21.99 -1.46
N VAL A 248 -10.53 -22.04 -0.83
CA VAL A 248 -10.48 -22.24 0.61
C VAL A 248 -11.20 -21.08 1.32
N ILE A 249 -11.05 -19.88 0.78
CA ILE A 249 -11.61 -18.69 1.43
C ILE A 249 -13.12 -18.63 1.25
N VAL A 250 -13.57 -18.78 0.01
CA VAL A 250 -15.00 -18.83 -0.29
C VAL A 250 -15.68 -19.93 0.51
N THR A 251 -15.01 -21.10 0.62
CA THR A 251 -15.58 -22.21 1.37
C THR A 251 -15.69 -21.87 2.85
N ARG A 252 -14.68 -21.23 3.41
CA ARG A 252 -14.80 -20.86 4.82
C ARG A 252 -15.84 -19.77 5.02
N VAL A 253 -15.93 -18.84 4.07
CA VAL A 253 -16.88 -17.74 4.21
C VAL A 253 -18.30 -18.25 4.06
N SER A 254 -18.54 -19.13 3.08
CA SER A 254 -19.86 -19.72 2.88
C SER A 254 -20.33 -20.48 4.11
N ASN A 255 -19.48 -21.34 4.67
CA ASN A 255 -19.84 -22.14 5.84
C ASN A 255 -20.11 -21.29 7.05
N ASN A 256 -19.65 -20.04 7.09
CA ASN A 256 -19.84 -19.19 8.24
C ASN A 256 -20.38 -17.83 7.81
N LEU A 257 -21.35 -17.86 6.89
CA LEU A 257 -21.70 -16.65 6.16
C LEU A 257 -22.24 -15.56 7.06
N PHE A 258 -23.08 -15.93 8.02
CA PHE A 258 -23.71 -14.93 8.85
C PHE A 258 -22.69 -14.26 9.76
N GLU A 259 -21.81 -15.05 10.38
CA GLU A 259 -20.75 -14.49 11.20
C GLU A 259 -19.89 -13.51 10.41
N PHE A 260 -19.47 -13.90 9.20
CA PHE A 260 -18.59 -13.04 8.43
C PHE A 260 -19.31 -11.78 7.98
N ALA A 261 -20.58 -11.91 7.59
CA ALA A 261 -21.28 -10.77 7.00
C ALA A 261 -21.67 -9.73 8.04
N THR A 262 -21.87 -10.12 9.29
CA THR A 262 -22.42 -9.20 10.27
C THR A 262 -21.35 -8.52 11.11
N HIS A 263 -20.07 -8.68 10.78
CA HIS A 263 -19.00 -7.95 11.46
C HIS A 263 -18.42 -6.88 10.55
N LYS A 264 -17.87 -5.85 11.19
CA LYS A 264 -17.55 -4.62 10.47
C LYS A 264 -16.51 -4.85 9.39
N TYR A 265 -15.39 -5.47 9.73
CA TYR A 265 -14.34 -5.60 8.72
C TYR A 265 -14.50 -6.82 7.84
N SER A 266 -14.84 -7.99 8.39
CA SER A 266 -14.94 -9.18 7.55
C SER A 266 -16.05 -9.08 6.53
N SER A 267 -17.01 -8.16 6.70
CA SER A 267 -18.06 -8.04 5.69
C SER A 267 -17.48 -7.58 4.35
N ASN A 268 -16.45 -6.74 4.38
CA ASN A 268 -15.76 -6.36 3.14
C ASN A 268 -15.09 -7.54 2.47
N VAL A 269 -14.64 -8.54 3.24
CA VAL A 269 -14.02 -9.73 2.66
C VAL A 269 -15.01 -10.50 1.80
N ILE A 270 -16.25 -10.66 2.25
CA ILE A 270 -17.26 -11.32 1.42
C ILE A 270 -17.52 -10.52 0.16
N GLU A 271 -17.57 -9.19 0.27
CA GLU A 271 -17.80 -8.40 -0.94
C GLU A 271 -16.69 -8.63 -1.93
N LYS A 272 -15.46 -8.77 -1.45
CA LYS A 272 -14.34 -9.03 -2.34
C LYS A 272 -14.51 -10.38 -3.02
N CYS A 273 -14.99 -11.39 -2.28
CA CYS A 273 -15.26 -12.68 -2.92
C CYS A 273 -16.29 -12.53 -4.04
N LEU A 274 -17.31 -11.67 -3.84
CA LEU A 274 -18.36 -11.52 -4.84
C LEU A 274 -17.84 -10.81 -6.09
N GLU A 275 -16.93 -9.85 -5.91
CA GLU A 275 -16.40 -9.08 -7.04
C GLU A 275 -15.40 -9.90 -7.85
N GLN A 276 -14.52 -10.66 -7.17
CA GLN A 276 -13.42 -11.40 -7.81
C GLN A 276 -13.75 -12.86 -8.05
N GLY A 277 -14.95 -13.31 -7.70
CA GLY A 277 -15.25 -14.73 -7.69
C GLY A 277 -15.74 -15.24 -9.04
N ALA A 278 -15.35 -16.47 -9.35
CA ALA A 278 -15.95 -17.21 -10.44
C ALA A 278 -17.41 -17.49 -10.13
N VAL A 279 -18.14 -17.90 -11.15
CA VAL A 279 -19.56 -18.22 -10.97
C VAL A 279 -19.75 -19.26 -9.88
N TYR A 280 -18.82 -20.21 -9.79
CA TYR A 280 -19.05 -21.29 -8.86
C TYR A 280 -18.72 -20.89 -7.42
N HIS A 281 -17.97 -19.81 -7.22
CA HIS A 281 -17.80 -19.24 -5.89
C HIS A 281 -19.05 -18.47 -5.47
N LYS A 282 -19.56 -17.63 -6.37
CA LYS A 282 -20.82 -16.94 -6.10
C LYS A 282 -21.93 -17.93 -5.76
N SER A 283 -22.01 -19.03 -6.49
CA SER A 283 -23.05 -20.02 -6.24
C SER A 283 -22.94 -20.61 -4.84
N MET A 284 -21.72 -20.80 -4.33
CA MET A 284 -21.57 -21.25 -2.96
C MET A 284 -22.11 -20.22 -1.97
N ILE A 285 -21.76 -18.94 -2.16
CA ILE A 285 -22.21 -17.91 -1.23
C ILE A 285 -23.72 -17.74 -1.30
N VAL A 286 -24.29 -17.73 -2.52
CA VAL A 286 -25.75 -17.61 -2.68
C VAL A 286 -26.47 -18.79 -2.05
N GLY A 287 -25.95 -20.00 -2.23
CA GLY A 287 -26.59 -21.17 -1.67
C GLY A 287 -26.62 -21.16 -0.16
N ALA A 288 -25.49 -20.78 0.45
CA ALA A 288 -25.47 -20.57 1.90
C ALA A 288 -26.49 -19.52 2.31
N ALA A 289 -26.55 -18.41 1.57
CA ALA A 289 -27.47 -17.33 1.89
C ALA A 289 -28.94 -17.77 1.84
N CYS A 290 -29.30 -18.66 0.93
CA CYS A 290 -30.70 -19.02 0.74
C CYS A 290 -31.10 -20.34 1.39
N HIS A 291 -30.21 -20.98 2.15
CA HIS A 291 -30.54 -22.28 2.72
C HIS A 291 -31.67 -22.16 3.74
N HIS A 292 -32.53 -23.20 3.76
CA HIS A 292 -33.84 -23.11 4.42
C HIS A 292 -33.72 -22.77 5.89
N GLN A 293 -32.91 -23.52 6.64
CA GLN A 293 -32.81 -23.38 8.09
C GLN A 293 -34.18 -23.60 8.75
N GLU A 294 -34.58 -24.87 8.88
CA GLU A 294 -35.94 -25.29 9.24
C GLU A 294 -36.60 -24.49 10.37
N GLY A 295 -35.82 -23.90 11.26
CA GLY A 295 -36.39 -23.17 12.39
C GLY A 295 -36.06 -21.69 12.47
N SER A 296 -35.89 -21.05 11.31
CA SER A 296 -35.60 -19.62 11.24
C SER A 296 -35.80 -19.18 9.80
N VAL A 297 -35.73 -17.87 9.59
CA VAL A 297 -35.80 -17.30 8.24
C VAL A 297 -34.49 -17.59 7.52
N PRO A 298 -34.43 -17.48 6.19
CA PRO A 298 -33.16 -17.74 5.50
C PRO A 298 -32.12 -16.68 5.85
N ILE A 299 -30.85 -17.11 5.81
CA ILE A 299 -29.73 -16.27 6.21
C ILE A 299 -29.73 -14.94 5.45
N VAL A 300 -30.06 -14.97 4.16
CA VAL A 300 -30.07 -13.73 3.38
C VAL A 300 -31.06 -12.71 3.95
N VAL A 301 -32.15 -13.17 4.57
CA VAL A 301 -33.12 -12.25 5.16
C VAL A 301 -32.57 -11.64 6.45
N GLN A 302 -31.99 -12.48 7.31
CA GLN A 302 -31.33 -11.97 8.52
C GLN A 302 -30.26 -10.93 8.16
N MET A 303 -29.48 -11.20 7.11
CA MET A 303 -28.44 -10.27 6.68
C MET A 303 -29.02 -8.93 6.26
N MET A 304 -30.21 -8.94 5.67
CA MET A 304 -30.78 -7.68 5.22
C MET A 304 -31.19 -6.78 6.39
N LYS A 305 -31.35 -7.35 7.59
CA LYS A 305 -31.66 -6.59 8.79
C LYS A 305 -30.43 -6.04 9.50
N ASP A 306 -29.23 -6.31 9.00
CA ASP A 306 -28.02 -6.10 9.78
C ASP A 306 -27.21 -4.92 9.24
N GLN A 307 -26.56 -4.20 10.17
CA GLN A 307 -25.86 -2.95 9.83
C GLN A 307 -24.77 -3.14 8.78
N TYR A 308 -24.07 -4.28 8.77
CA TYR A 308 -23.04 -4.52 7.76
C TYR A 308 -23.51 -5.47 6.67
N ALA A 309 -24.17 -6.55 7.05
CA ALA A 309 -24.56 -7.57 6.08
C ALA A 309 -25.54 -7.06 5.04
N ASN A 310 -26.28 -5.99 5.29
CA ASN A 310 -27.19 -5.53 4.23
C ASN A 310 -26.42 -5.04 3.01
N TYR A 311 -25.21 -4.47 3.20
CA TYR A 311 -24.36 -4.15 2.06
C TYR A 311 -23.88 -5.42 1.36
N VAL A 312 -23.63 -6.49 2.11
CA VAL A 312 -23.23 -7.75 1.50
C VAL A 312 -24.34 -8.32 0.61
N VAL A 313 -25.60 -8.27 1.07
CA VAL A 313 -26.73 -8.71 0.25
C VAL A 313 -26.86 -7.86 -0.99
N GLN A 314 -26.70 -6.54 -0.85
CA GLN A 314 -26.75 -5.66 -2.00
C GLN A 314 -25.69 -6.06 -3.02
N LYS A 315 -24.47 -6.34 -2.55
CA LYS A 315 -23.39 -6.73 -3.45
C LYS A 315 -23.70 -8.07 -4.12
N MET A 316 -24.31 -9.00 -3.39
CA MET A 316 -24.76 -10.25 -4.02
C MET A 316 -25.64 -9.96 -5.24
N PHE A 317 -26.71 -9.19 -5.04
CA PHE A 317 -27.64 -8.90 -6.13
C PHE A 317 -26.92 -8.23 -7.28
N ASP A 318 -25.95 -7.36 -6.99
CA ASP A 318 -25.26 -6.64 -8.05
C ASP A 318 -24.24 -7.49 -8.80
N GLN A 319 -23.80 -8.62 -8.24
CA GLN A 319 -22.66 -9.35 -8.82
C GLN A 319 -22.99 -10.73 -9.38
N VAL A 320 -24.10 -11.34 -9.00
CA VAL A 320 -24.39 -12.72 -9.40
C VAL A 320 -25.10 -12.80 -10.75
N THR A 321 -25.20 -14.02 -11.28
CA THR A 321 -25.89 -14.24 -12.56
C THR A 321 -27.39 -14.03 -12.41
N SER A 322 -28.07 -13.94 -13.55
CA SER A 322 -29.53 -13.79 -13.51
C SER A 322 -30.17 -15.00 -12.84
N GLU A 323 -29.67 -16.19 -13.15
CA GLU A 323 -30.24 -17.38 -12.56
C GLU A 323 -29.96 -17.43 -11.06
N GLN A 324 -28.81 -16.90 -10.62
CA GLN A 324 -28.53 -16.83 -9.20
C GLN A 324 -29.40 -15.77 -8.53
N ARG A 325 -29.63 -14.65 -9.21
CA ARG A 325 -30.57 -13.65 -8.69
C ARG A 325 -31.96 -14.26 -8.51
N ARG A 326 -32.36 -15.17 -9.40
CA ARG A 326 -33.67 -15.79 -9.29
C ARG A 326 -33.88 -16.39 -7.91
N GLU A 327 -32.88 -17.10 -7.39
CA GLU A 327 -33.07 -17.77 -6.11
C GLU A 327 -33.06 -16.76 -4.97
N LEU A 328 -32.29 -15.68 -5.11
CA LEU A 328 -32.31 -14.64 -4.08
C LEU A 328 -33.67 -13.95 -4.03
N ILE A 329 -34.22 -13.61 -5.21
CA ILE A 329 -35.54 -12.97 -5.28
C ILE A 329 -36.61 -13.90 -4.71
N LEU A 330 -36.61 -15.16 -5.14
CA LEU A 330 -37.65 -16.07 -4.67
C LEU A 330 -37.57 -16.33 -3.16
N THR A 331 -36.41 -16.06 -2.54
CA THR A 331 -36.21 -16.30 -1.12
C THR A 331 -36.57 -15.09 -0.27
N VAL A 332 -36.30 -13.89 -0.78
CA VAL A 332 -36.52 -12.68 0.00
C VAL A 332 -37.95 -12.16 -0.11
N ARG A 333 -38.60 -12.33 -1.26
CA ARG A 333 -39.88 -11.65 -1.53
C ARG A 333 -40.96 -11.91 -0.48
N PRO A 334 -41.19 -13.14 0.00
CA PRO A 334 -42.18 -13.30 1.09
C PRO A 334 -41.94 -12.38 2.28
N HIS A 335 -40.68 -12.15 2.66
CA HIS A 335 -40.37 -11.42 3.88
C HIS A 335 -40.30 -9.92 3.67
N ILE A 336 -40.64 -9.42 2.49
CA ILE A 336 -40.49 -7.98 2.24
C ILE A 336 -41.32 -7.14 3.21
N PRO A 337 -42.59 -7.44 3.50
CA PRO A 337 -43.33 -6.57 4.43
C PRO A 337 -42.63 -6.39 5.78
N VAL A 338 -42.22 -7.49 6.41
CA VAL A 338 -41.49 -7.42 7.68
C VAL A 338 -40.23 -6.57 7.53
N LEU A 339 -39.49 -6.77 6.43
CA LEU A 339 -38.24 -6.07 6.23
C LEU A 339 -38.43 -4.57 6.11
N ARG A 340 -39.59 -4.11 5.59
CA ARG A 340 -39.82 -2.67 5.49
C ARG A 340 -39.82 -2.00 6.87
N GLN A 341 -40.29 -2.72 7.91
CA GLN A 341 -40.37 -2.16 9.25
C GLN A 341 -38.99 -1.83 9.83
N PHE A 342 -38.02 -2.74 9.65
CA PHE A 342 -36.75 -2.67 10.37
C PHE A 342 -35.97 -1.39 10.05
N PRO A 343 -35.01 -1.00 10.95
CA PRO A 343 -34.17 0.19 10.72
C PRO A 343 -33.54 0.22 9.33
N HIS A 344 -33.78 1.31 8.60
CA HIS A 344 -33.33 1.53 7.23
C HIS A 344 -33.91 0.55 6.24
N GLY A 345 -34.77 -0.38 6.68
CA GLY A 345 -35.32 -1.39 5.78
C GLY A 345 -36.00 -0.79 4.57
N LYS A 346 -36.53 0.42 4.70
CA LYS A 346 -37.12 1.09 3.54
C LYS A 346 -36.07 1.34 2.47
N HIS A 347 -34.96 2.00 2.84
CA HIS A 347 -33.92 2.29 1.88
C HIS A 347 -33.31 1.00 1.32
N ILE A 348 -33.07 0.01 2.18
CA ILE A 348 -32.39 -1.20 1.75
C ILE A 348 -33.14 -1.88 0.61
N LEU A 349 -34.47 -1.98 0.73
CA LEU A 349 -35.27 -2.58 -0.33
C LEU A 349 -35.47 -1.65 -1.51
N ALA A 350 -35.34 -0.34 -1.29
CA ALA A 350 -35.40 0.61 -2.39
C ALA A 350 -34.25 0.39 -3.36
N LYS A 351 -33.03 0.29 -2.84
CA LYS A 351 -31.86 0.00 -3.67
C LYS A 351 -31.94 -1.34 -4.36
N LEU A 352 -32.87 -2.21 -3.97
CA LEU A 352 -33.09 -3.49 -4.63
C LEU A 352 -34.34 -3.51 -5.52
N GLU A 353 -35.12 -2.42 -5.53
CA GLU A 353 -36.42 -2.44 -6.22
C GLU A 353 -36.29 -2.89 -7.67
N LYS A 354 -35.21 -2.51 -8.34
CA LYS A 354 -35.02 -2.87 -9.75
C LYS A 354 -35.01 -4.38 -9.98
N TYR A 355 -34.72 -5.18 -8.95
CA TYR A 355 -34.74 -6.63 -9.11
C TYR A 355 -36.07 -7.25 -8.74
N PHE A 356 -36.97 -6.50 -8.09
CA PHE A 356 -38.27 -7.03 -7.69
C PHE A 356 -39.41 -6.44 -8.51
N GLN A 357 -39.12 -5.53 -9.44
CA GLN A 357 -40.15 -4.84 -10.23
C GLN A 357 -41.06 -5.80 -11.01
#